data_4QRS
#
_entry.id   4QRS
#
_cell.length_a   50.730
_cell.length_b   81.290
_cell.length_c   111.220
_cell.angle_alpha   90.00
_cell.angle_beta   90.00
_cell.angle_gamma   90.00
#
_symmetry.space_group_name_H-M   'P 21 21 21'
#
loop_
_entity.id
_entity.type
_entity.pdbx_description
1 polymer 'HLA class I histocompatibility antigen, B-8 alpha chain'
2 polymer Beta-2-microglobulin
3 polymer 'Major immediate-early protein'
4 non-polymer 'ACETATE ION'
5 water water
#
loop_
_entity_poly.entity_id
_entity_poly.type
_entity_poly.pdbx_seq_one_letter_code
_entity_poly.pdbx_strand_id
1 'polypeptide(L)'
;GSHSMRYFDTAMSRPGRGEPRFISVGYVDDTQFVRFDSDAASPREEPRAPWIEQEGPEYWDRNTQIFKTNTQTDRESLRN
LRGYYNQSEAGSHTLQSMYGCDVGPDGRLLRGHNQYAYDGKDYIALNEDLRSWTAADTAAQITQRKWEAARVAEQDRAYL
EGTCVEWLRRYLENGKDTLERADPPKTHVTHHPISDHEATLRCWALGFYPAEITLTWQRDGEDQTQDTELVETRPAGDRT
FQKWAAVVVPSGEEQRYTCHVQHEGLPKPLTLRWEP
;
A
2 'polypeptide(L)'
;MGQRTPKIQVYSRHPAENGKSNFLNCYVSGFHPSDIEVDLLKNGERIEKVEHSDLSFSKDWSFYLLYYTEFTPTEKDEYA
CRVNHVTLSQPKIVKWDRDM
;
B
3 'polypeptide(L)' ELKRKMIYM C
#
# COMPACT_ATOMS: atom_id res chain seq x y z
N GLY A 1 -15.02 2.73 13.10
CA GLY A 1 -14.65 3.50 14.27
C GLY A 1 -13.27 3.12 14.79
N SER A 2 -12.79 1.97 14.35
CA SER A 2 -11.45 1.52 14.70
C SER A 2 -10.43 2.08 13.73
N HIS A 3 -9.17 2.15 14.17
CA HIS A 3 -8.15 2.78 13.36
C HIS A 3 -6.82 2.11 13.59
N SER A 4 -5.89 2.33 12.68
N SER A 4 -5.89 2.33 12.67
CA SER A 4 -4.55 1.81 12.82
CA SER A 4 -4.55 1.76 12.74
C SER A 4 -3.55 2.89 12.45
C SER A 4 -3.49 2.77 12.32
N MET A 5 -2.36 2.76 13.02
CA MET A 5 -1.21 3.49 12.54
C MET A 5 -0.16 2.47 12.16
N ARG A 6 0.47 2.65 11.01
CA ARG A 6 1.46 1.70 10.58
C ARG A 6 2.56 2.42 9.82
N TYR A 7 3.80 2.08 10.14
CA TYR A 7 4.93 2.49 9.33
C TYR A 7 5.39 1.32 8.50
N PHE A 8 5.70 1.60 7.24
CA PHE A 8 6.22 0.63 6.27
C PHE A 8 7.61 1.06 5.89
N ASP A 9 8.60 0.28 6.30
CA ASP A 9 10.00 0.62 6.08
C ASP A 9 10.62 -0.32 5.08
N THR A 10 11.38 0.25 4.15
CA THR A 10 12.13 -0.55 3.18
C THR A 10 13.57 -0.08 3.12
N ALA A 11 14.50 -1.00 3.36
CA ALA A 11 15.93 -0.79 3.18
C ALA A 11 16.39 -1.66 2.02
N MET A 12 17.05 -1.08 1.03
N MET A 12 17.07 -1.05 1.06
CA MET A 12 17.42 -1.85 -0.14
CA MET A 12 17.44 -1.71 -0.17
C MET A 12 18.84 -1.54 -0.58
C MET A 12 18.91 -1.46 -0.44
N SER A 13 19.71 -2.53 -0.47
CA SER A 13 21.10 -2.36 -0.88
C SER A 13 21.19 -2.26 -2.41
N ARG A 14 22.27 -1.64 -2.85
CA ARG A 14 22.49 -1.39 -4.27
C ARG A 14 23.99 -1.27 -4.49
N PRO A 15 24.69 -2.40 -4.47
CA PRO A 15 26.14 -2.41 -4.55
C PRO A 15 26.63 -1.64 -5.77
N GLY A 16 27.56 -0.73 -5.54
CA GLY A 16 28.14 0.05 -6.61
C GLY A 16 27.41 1.36 -6.88
N ARG A 17 26.25 1.55 -6.23
CA ARG A 17 25.40 2.72 -6.42
C ARG A 17 25.09 3.41 -5.11
N GLY A 18 26.05 3.38 -4.18
CA GLY A 18 25.94 4.04 -2.90
C GLY A 18 25.47 3.15 -1.78
N GLU A 19 25.19 3.77 -0.64
CA GLU A 19 24.71 3.06 0.52
C GLU A 19 23.23 2.69 0.32
N PRO A 20 22.73 1.71 1.09
CA PRO A 20 21.36 1.26 0.83
C PRO A 20 20.31 2.37 0.99
N ARG A 21 19.35 2.42 0.08
CA ARG A 21 18.25 3.38 0.22
C ARG A 21 17.37 2.94 1.38
N PHE A 22 16.98 3.89 2.22
CA PHE A 22 16.03 3.59 3.28
C PHE A 22 14.85 4.54 3.18
N ILE A 23 13.63 3.99 3.18
CA ILE A 23 12.43 4.80 3.13
CA ILE A 23 12.43 4.79 3.13
C ILE A 23 11.47 4.30 4.21
N SER A 24 10.87 5.24 4.93
CA SER A 24 9.89 4.92 5.96
C SER A 24 8.65 5.75 5.68
N VAL A 25 7.53 5.08 5.51
CA VAL A 25 6.27 5.74 5.18
CA VAL A 25 6.28 5.79 5.23
C VAL A 25 5.25 5.47 6.29
N GLY A 26 4.63 6.52 6.82
CA GLY A 26 3.67 6.36 7.89
C GLY A 26 2.25 6.53 7.38
N TYR A 27 1.35 5.67 7.87
N TYR A 27 1.36 5.67 7.87
CA TYR A 27 -0.06 5.66 7.50
CA TYR A 27 -0.05 5.73 7.55
C TYR A 27 -0.99 5.65 8.70
C TYR A 27 -0.90 5.81 8.79
N VAL A 28 -2.07 6.43 8.64
CA VAL A 28 -3.20 6.22 9.53
C VAL A 28 -4.26 5.61 8.61
N ASP A 29 -4.66 4.37 8.91
CA ASP A 29 -5.52 3.63 7.99
C ASP A 29 -4.95 3.65 6.56
N ASP A 30 -5.72 4.14 5.59
CA ASP A 30 -5.25 4.16 4.21
C ASP A 30 -4.74 5.52 3.78
N THR A 31 -4.39 6.34 4.76
CA THR A 31 -3.92 7.70 4.50
C THR A 31 -2.44 7.84 4.85
N GLN A 32 -1.60 8.03 3.83
CA GLN A 32 -0.20 8.32 4.09
C GLN A 32 -0.08 9.70 4.71
N PHE A 33 0.67 9.81 5.80
CA PHE A 33 0.79 11.10 6.48
C PHE A 33 2.22 11.62 6.60
N VAL A 34 3.21 10.74 6.42
CA VAL A 34 4.61 11.16 6.44
CA VAL A 34 4.60 11.18 6.41
C VAL A 34 5.43 10.23 5.57
N ARG A 35 6.49 10.78 4.99
CA ARG A 35 7.46 9.96 4.30
C ARG A 35 8.85 10.49 4.54
N PHE A 36 9.76 9.60 4.93
CA PHE A 36 11.16 9.92 5.08
C PHE A 36 11.94 9.03 4.11
N ASP A 37 12.87 9.62 3.38
CA ASP A 37 13.61 8.92 2.33
C ASP A 37 15.07 9.35 2.41
N SER A 38 15.98 8.39 2.59
CA SER A 38 17.41 8.71 2.67
C SER A 38 17.93 9.38 1.40
N ASP A 39 17.23 9.17 0.30
CA ASP A 39 17.64 9.78 -0.99
C ASP A 39 17.08 11.18 -1.20
N ALA A 40 16.25 11.67 -0.27
CA ALA A 40 15.67 13.02 -0.38
C ALA A 40 16.70 14.10 -0.69
N ALA A 41 16.47 14.84 -1.77
CA ALA A 41 17.34 15.95 -2.13
C ALA A 41 17.13 17.14 -1.21
N SER A 42 15.94 17.23 -0.63
CA SER A 42 15.63 18.28 0.34
C SER A 42 14.56 17.84 1.30
N PRO A 43 14.94 17.69 2.58
CA PRO A 43 14.02 17.28 3.66
C PRO A 43 12.81 18.20 3.72
N ARG A 44 12.98 19.43 3.24
CA ARG A 44 11.90 20.39 3.15
C ARG A 44 10.82 19.86 2.21
N GLU A 45 11.13 18.76 1.53
CA GLU A 45 10.20 18.20 0.56
CA GLU A 45 10.20 18.20 0.56
C GLU A 45 9.52 16.91 1.05
N GLU A 46 10.24 16.11 1.85
CA GLU A 46 9.68 14.89 2.42
CA GLU A 46 9.67 14.88 2.41
C GLU A 46 8.23 15.14 2.83
N PRO A 47 7.27 14.76 1.96
CA PRO A 47 5.86 15.15 2.13
C PRO A 47 5.26 14.73 3.47
N ARG A 48 4.34 15.57 3.96
CA ARG A 48 3.67 15.30 5.22
C ARG A 48 2.27 15.89 5.20
N ALA A 49 1.33 15.25 5.89
CA ALA A 49 -0.05 15.73 5.99
C ALA A 49 -0.11 17.14 6.60
N PRO A 50 -1.14 17.93 6.23
CA PRO A 50 -1.32 19.25 6.83
C PRO A 50 -1.37 19.17 8.35
N TRP A 51 -2.02 18.12 8.87
CA TRP A 51 -2.14 17.95 10.32
C TRP A 51 -0.84 17.51 11.00
N ILE A 52 0.14 17.12 10.20
CA ILE A 52 1.49 16.88 10.71
C ILE A 52 2.29 18.18 10.71
N GLU A 53 2.09 19.00 9.69
CA GLU A 53 2.79 20.28 9.60
C GLU A 53 2.45 21.17 10.79
N GLN A 54 1.23 21.02 11.31
CA GLN A 54 0.82 21.80 12.48
C GLN A 54 1.53 21.37 13.75
N GLU A 55 2.20 20.22 13.73
CA GLU A 55 2.92 19.73 14.90
C GLU A 55 4.18 20.55 15.19
N GLY A 56 4.64 21.31 14.20
CA GLY A 56 5.75 22.21 14.41
C GLY A 56 7.12 21.59 14.22
N PRO A 57 8.17 22.40 14.36
CA PRO A 57 9.56 22.01 14.06
C PRO A 57 10.11 21.01 15.05
N GLU A 58 9.67 21.08 16.31
CA GLU A 58 10.13 20.14 17.33
C GLU A 58 9.78 18.71 16.94
N TYR A 59 8.54 18.51 16.52
CA TYR A 59 8.09 17.20 16.07
C TYR A 59 8.96 16.75 14.90
N TRP A 60 9.10 17.63 13.91
CA TRP A 60 9.84 17.28 12.71
C TRP A 60 11.32 17.00 12.99
N ASP A 61 11.93 17.82 13.85
CA ASP A 61 13.33 17.62 14.17
CA ASP A 61 13.33 17.63 14.21
C ASP A 61 13.52 16.29 14.92
N ARG A 62 12.61 15.97 15.82
CA ARG A 62 12.71 14.72 16.57
C ARG A 62 12.58 13.53 15.64
N ASN A 63 11.57 13.56 14.77
CA ASN A 63 11.34 12.45 13.86
C ASN A 63 12.44 12.30 12.80
N THR A 64 12.97 13.42 12.33
CA THR A 64 14.08 13.37 11.39
C THR A 64 15.29 12.69 12.04
N GLN A 65 15.54 12.96 13.31
N GLN A 65 15.53 13.01 13.30
CA GLN A 65 16.69 12.34 13.97
CA GLN A 65 16.64 12.38 14.01
C GLN A 65 16.48 10.86 14.27
C GLN A 65 16.42 10.87 14.08
N ILE A 66 15.24 10.47 14.54
CA ILE A 66 14.93 9.05 14.68
C ILE A 66 15.12 8.35 13.33
N PHE A 67 14.65 8.99 12.26
CA PHE A 67 14.82 8.41 10.94
C PHE A 67 16.28 8.19 10.59
N LYS A 68 17.14 9.16 10.90
CA LYS A 68 18.57 9.02 10.63
CA LYS A 68 18.56 9.00 10.61
C LYS A 68 19.16 7.82 11.36
N THR A 69 18.79 7.67 12.64
CA THR A 69 19.22 6.53 13.43
C THR A 69 18.71 5.23 12.81
N ASN A 70 17.43 5.21 12.42
CA ASN A 70 16.84 4.01 11.83
C ASN A 70 17.52 3.63 10.52
N THR A 71 17.92 4.64 9.76
CA THR A 71 18.65 4.41 8.52
C THR A 71 19.93 3.66 8.80
N GLN A 72 20.69 4.13 9.77
CA GLN A 72 21.94 3.47 10.13
C GLN A 72 21.70 2.05 10.62
N THR A 73 20.70 1.88 11.48
CA THR A 73 20.44 0.57 12.06
C THR A 73 20.04 -0.43 10.99
N ASP A 74 19.19 -0.03 10.05
CA ASP A 74 18.75 -0.99 9.06
C ASP A 74 19.82 -1.23 8.00
N ARG A 75 20.66 -0.24 7.73
CA ARG A 75 21.83 -0.48 6.89
C ARG A 75 22.77 -1.51 7.49
N GLU A 76 23.08 -1.38 8.78
CA GLU A 76 23.93 -2.38 9.43
C GLU A 76 23.24 -3.73 9.51
N SER A 77 21.93 -3.73 9.75
CA SER A 77 21.16 -4.97 9.71
C SER A 77 21.22 -5.68 8.34
N LEU A 78 21.11 -4.92 7.24
CA LEU A 78 21.28 -5.52 5.93
C LEU A 78 22.64 -6.21 5.80
N ARG A 79 23.68 -5.56 6.32
CA ARG A 79 25.03 -6.11 6.28
C ARG A 79 25.07 -7.41 7.07
N ASN A 80 24.49 -7.39 8.26
CA ASN A 80 24.52 -8.60 9.07
C ASN A 80 23.75 -9.74 8.45
N LEU A 81 22.56 -9.45 7.90
CA LEU A 81 21.76 -10.50 7.30
C LEU A 81 22.47 -11.11 6.09
N ARG A 82 23.16 -10.28 5.31
CA ARG A 82 23.99 -10.72 4.20
CA ARG A 82 23.92 -10.79 4.18
C ARG A 82 24.90 -11.84 4.68
N GLY A 83 25.59 -11.56 5.78
CA GLY A 83 26.45 -12.56 6.41
C GLY A 83 25.74 -13.82 6.88
N TYR A 84 24.59 -13.67 7.53
CA TYR A 84 23.87 -14.84 8.05
C TYR A 84 23.48 -15.81 6.96
N TYR A 85 23.29 -15.30 5.74
CA TYR A 85 22.86 -16.13 4.61
C TYR A 85 24.01 -16.47 3.67
N ASN A 86 25.23 -16.13 4.08
CA ASN A 86 26.43 -16.42 3.27
C ASN A 86 26.33 -15.83 1.88
N GLN A 87 25.75 -14.64 1.79
CA GLN A 87 25.55 -14.02 0.48
C GLN A 87 26.69 -13.12 0.09
N SER A 88 26.93 -13.05 -1.20
CA SER A 88 28.03 -12.22 -1.68
C SER A 88 27.71 -10.74 -1.55
N GLU A 89 28.74 -9.91 -1.69
CA GLU A 89 28.56 -8.47 -1.67
C GLU A 89 27.99 -7.93 -2.98
N ALA A 90 27.81 -8.79 -3.98
CA ALA A 90 27.45 -8.30 -5.32
C ALA A 90 25.96 -8.05 -5.56
N GLY A 91 25.09 -8.74 -4.84
CA GLY A 91 23.67 -8.65 -5.11
C GLY A 91 22.94 -7.61 -4.27
N SER A 92 21.82 -7.14 -4.78
CA SER A 92 20.91 -6.26 -4.03
CA SER A 92 20.95 -6.27 -4.00
C SER A 92 19.99 -7.09 -3.13
N HIS A 93 19.76 -6.61 -1.91
CA HIS A 93 18.86 -7.27 -0.97
C HIS A 93 17.93 -6.27 -0.32
N THR A 94 16.80 -6.76 0.19
CA THR A 94 15.73 -5.90 0.70
C THR A 94 15.36 -6.32 2.11
N LEU A 95 15.36 -5.36 3.03
CA LEU A 95 14.88 -5.60 4.38
C LEU A 95 13.67 -4.71 4.60
N GLN A 96 12.51 -5.32 4.86
CA GLN A 96 11.29 -4.58 5.07
C GLN A 96 10.80 -4.76 6.49
N SER A 97 10.10 -3.77 7.01
CA SER A 97 9.39 -3.94 8.25
C SER A 97 8.09 -3.16 8.27
N MET A 98 7.17 -3.67 9.08
CA MET A 98 5.93 -2.96 9.37
C MET A 98 5.74 -2.94 10.84
N TYR A 99 5.40 -1.79 11.40
CA TYR A 99 5.13 -1.74 12.82
C TYR A 99 4.06 -0.72 13.08
N GLY A 100 3.36 -0.89 14.20
CA GLY A 100 2.32 0.04 14.59
C GLY A 100 1.25 -0.61 15.43
N CYS A 101 0.16 0.13 15.61
CA CYS A 101 -0.87 -0.29 16.54
C CYS A 101 -2.25 -0.20 15.92
N ASP A 102 -3.14 -1.08 16.38
CA ASP A 102 -4.56 -1.03 16.03
C ASP A 102 -5.33 -0.62 17.28
N VAL A 103 -6.25 0.32 17.16
CA VAL A 103 -7.08 0.73 18.29
C VAL A 103 -8.55 0.66 17.92
N GLY A 104 -9.38 0.56 18.94
CA GLY A 104 -10.82 0.56 18.75
C GLY A 104 -11.42 1.95 18.73
N PRO A 105 -12.75 2.04 18.66
CA PRO A 105 -13.43 3.35 18.66
C PRO A 105 -13.13 4.18 19.89
N ASP A 106 -12.86 3.52 21.02
CA ASP A 106 -12.52 4.22 22.25
C ASP A 106 -11.05 4.61 22.33
N GLY A 107 -10.29 4.35 21.27
CA GLY A 107 -8.88 4.67 21.26
C GLY A 107 -8.01 3.72 22.05
N ARG A 108 -8.58 2.63 22.56
CA ARG A 108 -7.82 1.64 23.33
CA ARG A 108 -7.79 1.66 23.31
C ARG A 108 -7.12 0.62 22.42
N LEU A 109 -5.94 0.18 22.85
CA LEU A 109 -5.14 -0.77 22.08
C LEU A 109 -5.86 -2.08 21.87
N LEU A 110 -5.99 -2.49 20.61
CA LEU A 110 -6.44 -3.82 20.24
C LEU A 110 -5.24 -4.76 20.11
N ARG A 111 -4.24 -4.35 19.32
CA ARG A 111 -2.97 -5.07 19.29
C ARG A 111 -1.88 -4.28 18.61
N GLY A 112 -0.64 -4.69 18.87
CA GLY A 112 0.54 -4.10 18.27
C GLY A 112 1.18 -5.03 17.27
N HIS A 113 2.05 -4.46 16.44
CA HIS A 113 2.72 -5.18 15.37
C HIS A 113 4.15 -4.68 15.26
N ASN A 114 5.07 -5.61 14.98
CA ASN A 114 6.42 -5.23 14.58
C ASN A 114 7.03 -6.43 13.90
N GLN A 115 7.08 -6.44 12.58
N GLN A 115 7.05 -6.42 12.57
CA GLN A 115 7.65 -7.60 11.94
CA GLN A 115 7.42 -7.59 11.78
C GLN A 115 8.52 -7.20 10.78
C GLN A 115 8.35 -7.26 10.61
N TYR A 116 9.26 -8.18 10.31
CA TYR A 116 10.26 -7.97 9.28
C TYR A 116 10.26 -9.06 8.25
N ALA A 117 10.69 -8.70 7.04
CA ALA A 117 10.92 -9.65 5.95
C ALA A 117 12.24 -9.35 5.29
N TYR A 118 12.95 -10.38 4.87
CA TYR A 118 14.21 -10.21 4.13
C TYR A 118 14.03 -10.86 2.78
N ASP A 119 14.37 -10.11 1.73
CA ASP A 119 14.15 -10.55 0.37
C ASP A 119 12.76 -11.15 0.15
N GLY A 120 11.76 -10.49 0.74
CA GLY A 120 10.37 -10.85 0.52
C GLY A 120 9.83 -12.00 1.36
N LYS A 121 10.67 -12.60 2.19
CA LYS A 121 10.30 -13.73 3.03
C LYS A 121 10.24 -13.28 4.47
N ASP A 122 9.20 -13.72 5.18
CA ASP A 122 9.13 -13.42 6.59
C ASP A 122 10.40 -13.83 7.34
N TYR A 123 10.89 -12.93 8.19
CA TYR A 123 12.16 -13.11 8.86
C TYR A 123 11.99 -13.23 10.39
N ILE A 124 11.47 -12.20 11.03
CA ILE A 124 11.22 -12.21 12.47
C ILE A 124 10.02 -11.34 12.76
N ALA A 125 9.27 -11.68 13.79
CA ALA A 125 8.11 -10.88 14.18
C ALA A 125 7.96 -10.90 15.68
N LEU A 126 7.54 -9.77 16.24
CA LEU A 126 7.15 -9.69 17.64
C LEU A 126 5.79 -10.34 17.75
N ASN A 127 5.65 -11.27 18.69
CA ASN A 127 4.37 -11.92 18.94
C ASN A 127 3.33 -10.96 19.51
N GLU A 128 2.07 -11.35 19.43
CA GLU A 128 0.99 -10.52 19.93
C GLU A 128 1.16 -10.15 21.42
N ASP A 129 1.84 -11.01 22.17
CA ASP A 129 2.11 -10.69 23.58
C ASP A 129 3.02 -9.49 23.81
N LEU A 130 3.67 -9.02 22.74
CA LEU A 130 4.63 -7.92 22.80
C LEU A 130 5.82 -8.23 23.72
N ARG A 131 6.11 -9.52 23.92
CA ARG A 131 7.21 -9.93 24.79
C ARG A 131 8.15 -10.95 24.15
N SER A 132 7.66 -11.73 23.21
CA SER A 132 8.44 -12.81 22.62
C SER A 132 8.50 -12.72 21.09
N TRP A 133 9.47 -13.41 20.52
CA TRP A 133 9.71 -13.36 19.07
C TRP A 133 9.41 -14.67 18.38
N THR A 134 9.00 -14.59 17.12
CA THR A 134 8.97 -15.74 16.23
C THR A 134 9.98 -15.53 15.11
N ALA A 135 11.00 -16.40 15.07
CA ALA A 135 12.07 -16.32 14.09
C ALA A 135 11.82 -17.39 13.03
N ALA A 136 11.98 -17.03 11.77
CA ALA A 136 11.62 -17.93 10.67
C ALA A 136 12.65 -19.04 10.40
N ASP A 137 13.91 -18.79 10.73
CA ASP A 137 15.00 -19.69 10.36
C ASP A 137 16.21 -19.45 11.25
N THR A 138 17.29 -20.19 11.00
CA THR A 138 18.45 -20.09 11.88
C THR A 138 19.15 -18.74 11.83
N ALA A 139 18.99 -18.01 10.72
CA ALA A 139 19.51 -16.64 10.65
C ALA A 139 18.72 -15.74 11.60
N ALA A 140 17.39 -15.78 11.50
CA ALA A 140 16.55 -14.94 12.35
C ALA A 140 16.73 -15.32 13.84
N GLN A 141 17.13 -16.56 14.12
CA GLN A 141 17.40 -16.96 15.51
C GLN A 141 18.58 -16.16 16.10
N ILE A 142 19.51 -15.77 15.24
CA ILE A 142 20.60 -14.91 15.70
CA ILE A 142 20.61 -14.91 15.68
C ILE A 142 20.09 -13.53 16.05
N THR A 143 19.25 -12.96 15.18
CA THR A 143 18.62 -11.70 15.49
C THR A 143 17.82 -11.80 16.80
N GLN A 144 17.07 -12.89 16.95
CA GLN A 144 16.30 -13.11 18.18
C GLN A 144 17.21 -13.10 19.41
N ARG A 145 18.33 -13.81 19.33
N ARG A 145 18.33 -13.80 19.32
CA ARG A 145 19.28 -13.82 20.44
CA ARG A 145 19.31 -13.82 20.41
C ARG A 145 19.79 -12.40 20.78
C ARG A 145 19.79 -12.42 20.76
N LYS A 146 20.19 -11.65 19.76
CA LYS A 146 20.70 -10.31 19.97
C LYS A 146 19.60 -9.42 20.59
N TRP A 147 18.39 -9.55 20.09
CA TRP A 147 17.30 -8.70 20.56
C TRP A 147 16.82 -9.10 21.96
N GLU A 148 16.86 -10.39 22.27
CA GLU A 148 16.56 -10.83 23.65
C GLU A 148 17.62 -10.33 24.63
N ALA A 149 18.89 -10.42 24.23
CA ALA A 149 19.97 -9.94 25.08
C ALA A 149 19.84 -8.46 25.38
N ALA A 150 19.39 -7.68 24.39
CA ALA A 150 19.28 -6.23 24.54
C ALA A 150 17.89 -5.77 24.99
N ARG A 151 17.00 -6.72 25.30
CA ARG A 151 15.65 -6.42 25.78
C ARG A 151 14.88 -5.49 24.82
N VAL A 152 15.02 -5.75 23.53
CA VAL A 152 14.37 -4.94 22.52
C VAL A 152 12.84 -5.03 22.60
N ALA A 153 12.31 -6.22 22.88
CA ALA A 153 10.87 -6.39 22.95
C ALA A 153 10.27 -5.43 23.97
N GLU A 154 10.96 -5.21 25.08
CA GLU A 154 10.45 -4.31 26.11
CA GLU A 154 10.44 -4.32 26.11
C GLU A 154 10.32 -2.88 25.59
N GLN A 155 11.29 -2.46 24.78
CA GLN A 155 11.24 -1.13 24.19
CA GLN A 155 11.25 -1.14 24.18
C GLN A 155 10.14 -1.04 23.13
N ASP A 156 10.02 -2.09 22.32
CA ASP A 156 8.97 -2.14 21.31
C ASP A 156 7.60 -2.14 21.97
N ARG A 157 7.43 -2.91 23.04
CA ARG A 157 6.17 -2.89 23.77
C ARG A 157 5.83 -1.48 24.27
N ALA A 158 6.81 -0.80 24.85
CA ALA A 158 6.58 0.55 25.36
C ALA A 158 6.11 1.48 24.25
N TYR A 159 6.74 1.37 23.09
CA TYR A 159 6.31 2.18 21.96
C TYR A 159 4.89 1.80 21.53
N LEU A 160 4.64 0.51 21.37
CA LEU A 160 3.36 0.06 20.80
C LEU A 160 2.16 0.36 21.72
N GLU A 161 2.36 0.20 23.03
CA GLU A 161 1.29 0.43 24.01
C GLU A 161 1.15 1.88 24.41
N GLY A 162 2.24 2.63 24.29
CA GLY A 162 2.27 4.01 24.75
C GLY A 162 2.30 4.98 23.58
N THR A 163 3.50 5.26 23.11
CA THR A 163 3.75 6.24 22.05
C THR A 163 2.80 6.10 20.87
N CYS A 164 2.68 4.89 20.34
CA CYS A 164 1.88 4.64 19.14
C CYS A 164 0.41 4.99 19.37
N VAL A 165 -0.13 4.51 20.48
CA VAL A 165 -1.53 4.74 20.81
C VAL A 165 -1.79 6.22 21.05
N GLU A 166 -0.87 6.87 21.77
N GLU A 166 -0.89 6.87 21.79
CA GLU A 166 -1.00 8.29 22.12
CA GLU A 166 -1.04 8.27 22.10
C GLU A 166 -0.94 9.20 20.89
C GLU A 166 -1.03 9.11 20.82
N TRP A 167 -0.02 8.91 19.99
CA TRP A 167 0.09 9.70 18.77
C TRP A 167 -1.02 9.41 17.77
N LEU A 168 -1.45 8.16 17.68
CA LEU A 168 -2.58 7.86 16.81
C LEU A 168 -3.80 8.67 17.25
N ARG A 169 -4.09 8.64 18.55
N ARG A 169 -4.00 8.79 18.56
CA ARG A 169 -5.28 9.31 19.07
CA ARG A 169 -5.07 9.63 19.09
C ARG A 169 -5.24 10.80 18.73
C ARG A 169 -4.90 11.09 18.65
N ARG A 170 -4.05 11.38 18.79
N ARG A 170 -3.71 11.62 18.85
CA ARG A 170 -3.84 12.79 18.48
CA ARG A 170 -3.42 12.99 18.47
C ARG A 170 -3.98 13.07 16.99
C ARG A 170 -3.70 13.23 16.98
N TYR A 171 -3.33 12.26 16.15
CA TYR A 171 -3.48 12.42 14.70
C TYR A 171 -4.95 12.34 14.32
N LEU A 172 -5.69 11.42 14.93
CA LEU A 172 -7.10 11.29 14.62
C LEU A 172 -7.87 12.57 14.98
N GLU A 173 -7.45 13.24 16.05
CA GLU A 173 -8.12 14.47 16.46
C GLU A 173 -7.79 15.59 15.49
N ASN A 174 -6.51 15.75 15.18
CA ASN A 174 -6.07 16.82 14.29
C ASN A 174 -6.52 16.65 12.84
N GLY A 175 -6.71 15.39 12.44
CA GLY A 175 -7.11 15.08 11.07
C GLY A 175 -8.50 14.51 10.94
N LYS A 176 -9.34 14.75 11.94
CA LYS A 176 -10.65 14.11 12.02
C LYS A 176 -11.51 14.28 10.76
N ASP A 177 -11.47 15.46 10.16
CA ASP A 177 -12.38 15.74 9.04
C ASP A 177 -12.17 14.76 7.88
N THR A 178 -10.95 14.23 7.76
CA THR A 178 -10.67 13.20 6.77
C THR A 178 -10.55 11.82 7.38
N LEU A 179 -9.74 11.71 8.44
CA LEU A 179 -9.44 10.39 8.99
C LEU A 179 -10.65 9.66 9.57
N GLU A 180 -11.60 10.39 10.11
CA GLU A 180 -12.77 9.74 10.68
CA GLU A 180 -12.78 9.81 10.72
C GLU A 180 -13.98 9.83 9.78
N ARG A 181 -13.76 10.19 8.52
CA ARG A 181 -14.84 10.22 7.55
C ARG A 181 -14.76 9.06 6.59
N ALA A 182 -15.80 8.25 6.54
CA ALA A 182 -15.89 7.18 5.56
C ALA A 182 -16.73 7.68 4.39
N ASP A 183 -16.18 7.57 3.19
CA ASP A 183 -16.87 7.98 1.97
C ASP A 183 -17.40 6.72 1.31
N PRO A 184 -18.72 6.65 1.10
CA PRO A 184 -19.31 5.45 0.51
C PRO A 184 -18.99 5.32 -0.98
N PRO A 185 -19.05 4.09 -1.48
CA PRO A 185 -18.85 3.90 -2.91
C PRO A 185 -20.02 4.45 -3.72
N LYS A 186 -19.69 5.00 -4.89
N LYS A 186 -19.70 5.03 -4.87
CA LYS A 186 -20.68 5.31 -5.92
CA LYS A 186 -20.68 5.28 -5.90
C LYS A 186 -20.73 4.12 -6.87
C LYS A 186 -20.72 4.01 -6.72
N THR A 187 -21.90 3.51 -7.00
CA THR A 187 -22.02 2.21 -7.65
C THR A 187 -22.87 2.24 -8.92
N HIS A 188 -22.56 1.32 -9.82
CA HIS A 188 -23.39 1.06 -10.99
C HIS A 188 -23.05 -0.30 -11.60
N VAL A 189 -23.94 -0.80 -12.44
CA VAL A 189 -23.73 -2.07 -13.11
C VAL A 189 -23.74 -1.85 -14.61
N THR A 190 -22.70 -2.33 -15.28
CA THR A 190 -22.61 -2.27 -16.73
C THR A 190 -22.78 -3.64 -17.37
N HIS A 191 -23.08 -3.65 -18.66
CA HIS A 191 -23.42 -4.86 -19.39
C HIS A 191 -22.68 -4.83 -20.72
N HIS A 192 -21.89 -5.87 -20.96
CA HIS A 192 -21.09 -5.93 -22.18
C HIS A 192 -21.27 -7.28 -22.84
N PRO A 193 -22.04 -7.33 -23.95
CA PRO A 193 -22.14 -8.59 -24.71
C PRO A 193 -20.75 -9.11 -25.10
N ILE A 194 -20.56 -10.42 -24.97
N ILE A 194 -20.54 -10.41 -25.00
CA ILE A 194 -19.32 -11.07 -25.32
CA ILE A 194 -19.27 -11.02 -25.38
C ILE A 194 -19.53 -11.73 -26.67
C ILE A 194 -19.45 -12.01 -26.53
N SER A 195 -20.70 -12.33 -26.82
CA SER A 195 -21.06 -13.13 -27.99
C SER A 195 -22.57 -13.08 -28.05
N ASP A 196 -23.16 -13.78 -29.00
CA ASP A 196 -24.60 -13.73 -29.14
C ASP A 196 -25.30 -14.38 -27.95
N HIS A 197 -24.57 -15.19 -27.20
CA HIS A 197 -25.19 -16.00 -26.15
C HIS A 197 -24.73 -15.68 -24.72
N GLU A 198 -23.71 -14.83 -24.56
CA GLU A 198 -23.20 -14.48 -23.23
C GLU A 198 -22.90 -12.99 -23.14
N ALA A 199 -22.97 -12.44 -21.92
CA ALA A 199 -22.58 -11.06 -21.67
C ALA A 199 -21.89 -10.94 -20.32
N THR A 200 -21.09 -9.90 -20.17
CA THR A 200 -20.45 -9.59 -18.91
C THR A 200 -21.30 -8.59 -18.14
N LEU A 201 -21.57 -8.88 -16.87
CA LEU A 201 -22.12 -7.89 -15.96
C LEU A 201 -20.98 -7.45 -15.04
N ARG A 202 -20.75 -6.14 -14.96
CA ARG A 202 -19.66 -5.61 -14.14
C ARG A 202 -20.23 -4.66 -13.10
N CYS A 203 -19.97 -4.97 -11.84
CA CYS A 203 -20.45 -4.13 -10.76
C CYS A 203 -19.31 -3.23 -10.28
N TRP A 204 -19.55 -1.93 -10.31
CA TRP A 204 -18.52 -0.93 -10.04
C TRP A 204 -18.70 -0.27 -8.69
N ALA A 205 -17.59 -0.05 -7.98
CA ALA A 205 -17.57 0.77 -6.77
C ALA A 205 -16.48 1.82 -6.91
N LEU A 206 -16.84 3.10 -6.84
CA LEU A 206 -15.90 4.18 -7.05
C LEU A 206 -15.99 5.21 -5.92
N GLY A 207 -14.89 5.91 -5.66
CA GLY A 207 -14.89 7.02 -4.74
C GLY A 207 -14.99 6.71 -3.26
N PHE A 208 -14.66 5.47 -2.86
CA PHE A 208 -14.83 5.09 -1.46
C PHE A 208 -13.56 5.22 -0.63
N TYR A 209 -13.74 5.42 0.68
CA TYR A 209 -12.64 5.46 1.64
C TYR A 209 -13.24 5.01 2.96
N PRO A 210 -12.57 4.13 3.70
CA PRO A 210 -11.27 3.50 3.44
C PRO A 210 -11.36 2.42 2.36
N ALA A 211 -10.24 1.76 2.09
CA ALA A 211 -10.16 0.82 0.98
C ALA A 211 -10.95 -0.48 1.20
N GLU A 212 -11.12 -0.88 2.46
CA GLU A 212 -11.87 -2.09 2.76
C GLU A 212 -13.27 -2.04 2.18
N ILE A 213 -13.64 -3.07 1.43
CA ILE A 213 -14.95 -3.13 0.80
C ILE A 213 -15.26 -4.60 0.48
N THR A 214 -16.55 -4.92 0.44
CA THR A 214 -16.97 -6.25 0.00
C THR A 214 -17.86 -6.08 -1.21
N LEU A 215 -17.41 -6.62 -2.34
N LEU A 215 -17.50 -6.77 -2.28
CA LEU A 215 -18.20 -6.68 -3.56
CA LEU A 215 -18.19 -6.64 -3.55
C LEU A 215 -18.43 -8.12 -3.92
C LEU A 215 -18.43 -8.02 -4.17
N THR A 216 -19.68 -8.48 -4.16
CA THR A 216 -20.01 -9.85 -4.55
C THR A 216 -21.14 -9.92 -5.55
N TRP A 217 -21.12 -10.96 -6.37
CA TRP A 217 -22.24 -11.28 -7.25
C TRP A 217 -22.96 -12.51 -6.73
N GLN A 218 -24.29 -12.48 -6.75
CA GLN A 218 -25.10 -13.64 -6.45
C GLN A 218 -25.93 -14.03 -7.67
N ARG A 219 -26.19 -15.32 -7.82
CA ARG A 219 -27.12 -15.83 -8.83
C ARG A 219 -28.21 -16.54 -8.06
N ASP A 220 -29.46 -16.10 -8.21
CA ASP A 220 -30.56 -16.70 -7.46
C ASP A 220 -30.21 -16.72 -5.97
N GLY A 221 -29.45 -15.73 -5.52
CA GLY A 221 -29.09 -15.62 -4.12
C GLY A 221 -27.98 -16.55 -3.63
N GLU A 222 -27.26 -17.17 -4.56
CA GLU A 222 -26.11 -17.98 -4.20
C GLU A 222 -24.82 -17.29 -4.63
N ASP A 223 -23.88 -17.16 -3.70
CA ASP A 223 -22.59 -16.54 -4.01
C ASP A 223 -21.94 -17.15 -5.24
N GLN A 224 -21.34 -16.31 -6.06
CA GLN A 224 -20.69 -16.76 -7.30
C GLN A 224 -19.17 -16.60 -7.21
N THR A 225 -18.60 -16.99 -6.07
CA THR A 225 -17.18 -16.75 -5.82
C THR A 225 -16.27 -17.25 -6.94
N GLN A 226 -16.44 -18.51 -7.32
CA GLN A 226 -15.59 -19.10 -8.34
C GLN A 226 -15.76 -18.43 -9.70
N ASP A 227 -16.97 -17.97 -9.98
CA ASP A 227 -17.28 -17.42 -11.31
C ASP A 227 -17.12 -15.90 -11.40
N THR A 228 -16.72 -15.27 -10.30
CA THR A 228 -16.55 -13.83 -10.30
C THR A 228 -15.10 -13.42 -10.55
N GLU A 229 -14.89 -12.50 -11.49
CA GLU A 229 -13.59 -11.87 -11.65
C GLU A 229 -13.57 -10.60 -10.80
N LEU A 230 -12.62 -10.56 -9.87
CA LEU A 230 -12.56 -9.52 -8.85
C LEU A 230 -11.20 -8.84 -8.90
N VAL A 231 -11.14 -7.62 -9.44
CA VAL A 231 -9.87 -6.91 -9.49
C VAL A 231 -9.44 -6.40 -8.12
N GLU A 232 -8.15 -6.23 -7.94
CA GLU A 232 -7.61 -5.65 -6.73
C GLU A 232 -8.13 -4.24 -6.55
N THR A 233 -8.48 -3.90 -5.32
CA THR A 233 -8.86 -2.54 -4.98
C THR A 233 -7.70 -1.63 -5.35
N ARG A 234 -8.00 -0.48 -5.96
CA ARG A 234 -6.98 0.34 -6.58
C ARG A 234 -7.20 1.80 -6.20
N PRO A 235 -6.12 2.56 -6.02
CA PRO A 235 -6.23 3.96 -5.61
C PRO A 235 -6.59 4.87 -6.77
N ALA A 236 -7.50 5.82 -6.53
CA ALA A 236 -7.87 6.75 -7.59
C ALA A 236 -6.91 7.92 -7.71
N GLY A 237 -6.19 8.23 -6.62
CA GLY A 237 -5.26 9.35 -6.59
C GLY A 237 -5.75 10.57 -5.84
N ASP A 238 -6.98 10.51 -5.35
CA ASP A 238 -7.60 11.61 -4.61
C ASP A 238 -8.01 11.20 -3.19
N ARG A 239 -7.33 10.18 -2.69
CA ARG A 239 -7.60 9.57 -1.38
CA ARG A 239 -7.56 9.52 -1.39
C ARG A 239 -8.53 8.35 -1.49
N THR A 240 -9.36 8.34 -2.53
CA THR A 240 -10.35 7.28 -2.64
C THR A 240 -9.86 6.07 -3.42
N PHE A 241 -10.69 5.03 -3.39
CA PHE A 241 -10.37 3.75 -4.00
C PHE A 241 -11.48 3.31 -4.95
N GLN A 242 -11.16 2.33 -5.77
CA GLN A 242 -12.06 1.79 -6.78
C GLN A 242 -11.95 0.28 -6.78
N LYS A 243 -13.02 -0.37 -7.18
CA LYS A 243 -13.00 -1.82 -7.35
C LYS A 243 -14.15 -2.22 -8.27
N TRP A 244 -14.00 -3.33 -8.97
CA TRP A 244 -15.12 -3.93 -9.70
C TRP A 244 -15.11 -5.45 -9.60
N ALA A 245 -16.30 -6.03 -9.79
CA ALA A 245 -16.48 -7.47 -9.82
C ALA A 245 -17.31 -7.78 -11.07
N ALA A 246 -16.94 -8.81 -11.81
CA ALA A 246 -17.68 -9.13 -13.02
C ALA A 246 -18.04 -10.60 -13.11
N VAL A 247 -19.17 -10.89 -13.75
N VAL A 247 -19.17 -10.88 -13.75
CA VAL A 247 -19.57 -12.25 -13.98
CA VAL A 247 -19.61 -12.24 -13.99
C VAL A 247 -20.06 -12.38 -15.43
C VAL A 247 -20.09 -12.39 -15.42
N VAL A 248 -19.85 -13.54 -16.02
CA VAL A 248 -20.33 -13.79 -17.37
C VAL A 248 -21.65 -14.55 -17.26
N VAL A 249 -22.69 -14.00 -17.86
CA VAL A 249 -24.03 -14.55 -17.71
C VAL A 249 -24.66 -14.88 -19.06
N PRO A 250 -25.50 -15.92 -19.10
CA PRO A 250 -26.19 -16.28 -20.35
C PRO A 250 -27.14 -15.16 -20.74
N SER A 251 -27.23 -14.85 -22.03
CA SER A 251 -28.14 -13.80 -22.48
C SER A 251 -29.56 -14.08 -21.99
N GLY A 252 -30.21 -13.05 -21.47
CA GLY A 252 -31.57 -13.19 -20.99
C GLY A 252 -31.71 -13.62 -19.54
N GLU A 253 -30.60 -13.99 -18.90
CA GLU A 253 -30.64 -14.45 -17.52
C GLU A 253 -30.15 -13.38 -16.52
N GLU A 254 -29.95 -12.17 -17.03
CA GLU A 254 -29.38 -11.06 -16.25
C GLU A 254 -30.09 -10.79 -14.93
N GLN A 255 -31.40 -10.94 -14.90
CA GLN A 255 -32.14 -10.59 -13.69
C GLN A 255 -31.99 -11.60 -12.55
N ARG A 256 -31.36 -12.73 -12.83
CA ARG A 256 -31.09 -13.71 -11.79
C ARG A 256 -29.87 -13.28 -10.95
N TYR A 257 -29.18 -12.25 -11.43
CA TYR A 257 -27.92 -11.82 -10.82
C TYR A 257 -28.03 -10.51 -10.04
N THR A 258 -27.49 -10.52 -8.83
CA THR A 258 -27.48 -9.33 -8.00
C THR A 258 -26.07 -9.06 -7.49
N CYS A 259 -25.68 -7.79 -7.51
CA CYS A 259 -24.41 -7.36 -6.95
C CYS A 259 -24.64 -6.79 -5.56
N HIS A 260 -23.80 -7.21 -4.61
CA HIS A 260 -23.97 -6.79 -3.23
C HIS A 260 -22.74 -6.02 -2.79
N VAL A 261 -22.98 -4.86 -2.18
CA VAL A 261 -21.90 -3.96 -1.78
C VAL A 261 -21.99 -3.65 -0.30
N GLN A 262 -20.91 -3.90 0.42
N GLN A 262 -20.91 -3.91 0.42
CA GLN A 262 -20.81 -3.52 1.82
CA GLN A 262 -20.80 -3.51 1.80
C GLN A 262 -19.61 -2.60 2.05
C GLN A 262 -19.62 -2.56 1.96
N HIS A 263 -19.86 -1.47 2.69
CA HIS A 263 -18.81 -0.49 2.97
C HIS A 263 -19.19 0.40 4.14
N GLU A 264 -18.18 0.78 4.92
CA GLU A 264 -18.40 1.59 6.14
C GLU A 264 -19.14 2.92 5.91
N GLY A 265 -18.98 3.53 4.74
CA GLY A 265 -19.63 4.80 4.46
C GLY A 265 -21.08 4.72 4.05
N LEU A 266 -21.58 3.50 3.81
CA LEU A 266 -22.97 3.30 3.39
C LEU A 266 -23.89 3.23 4.59
N PRO A 267 -25.01 3.96 4.54
CA PRO A 267 -26.05 3.88 5.57
C PRO A 267 -26.52 2.43 5.73
N LYS A 268 -26.60 1.73 4.61
CA LYS A 268 -26.97 0.32 4.59
C LYS A 268 -26.41 -0.35 3.34
N PRO A 269 -26.21 -1.67 3.40
CA PRO A 269 -25.65 -2.40 2.25
C PRO A 269 -26.51 -2.24 1.00
N LEU A 270 -25.86 -2.25 -0.15
CA LEU A 270 -26.55 -2.07 -1.42
C LEU A 270 -26.82 -3.42 -2.07
N THR A 271 -27.91 -3.49 -2.82
CA THR A 271 -28.18 -4.61 -3.72
C THR A 271 -28.48 -3.99 -5.06
N LEU A 272 -27.72 -4.37 -6.07
CA LEU A 272 -27.82 -3.73 -7.37
C LEU A 272 -28.06 -4.78 -8.44
N ARG A 273 -28.80 -4.39 -9.47
CA ARG A 273 -29.04 -5.24 -10.61
C ARG A 273 -28.72 -4.45 -11.86
N TRP A 274 -28.51 -5.14 -12.96
CA TRP A 274 -28.43 -4.46 -14.23
C TRP A 274 -29.77 -3.81 -14.52
N GLU A 275 -29.74 -2.54 -14.88
CA GLU A 275 -30.94 -1.80 -15.22
C GLU A 275 -30.85 -1.36 -16.67
N PRO A 276 -31.42 -2.19 -17.57
CA PRO A 276 -31.36 -1.93 -19.02
C PRO A 276 -31.86 -0.54 -19.36
N MET B 1 16.51 -16.60 -5.11
CA MET B 1 15.65 -15.60 -4.48
C MET B 1 14.25 -15.63 -5.09
N GLY B 2 13.23 -15.51 -4.24
CA GLY B 2 11.86 -15.51 -4.69
C GLY B 2 11.44 -14.16 -5.26
N GLN B 3 11.00 -14.16 -6.51
CA GLN B 3 10.55 -12.94 -7.17
C GLN B 3 9.05 -13.00 -7.47
N ARG B 4 8.41 -11.83 -7.52
CA ARG B 4 6.98 -11.75 -7.81
C ARG B 4 6.73 -10.75 -8.92
N THR B 5 5.98 -11.18 -9.93
CA THR B 5 5.76 -10.33 -11.09
C THR B 5 4.63 -9.33 -10.84
N PRO B 6 4.74 -8.14 -11.39
CA PRO B 6 3.69 -7.13 -11.14
C PRO B 6 2.34 -7.44 -11.78
N LYS B 7 1.30 -7.13 -11.03
CA LYS B 7 -0.04 -6.94 -11.58
C LYS B 7 -0.10 -5.51 -12.08
N ILE B 8 -0.94 -5.28 -13.10
CA ILE B 8 -1.06 -3.97 -13.73
C ILE B 8 -2.53 -3.64 -14.00
N GLN B 9 -2.97 -2.48 -13.52
CA GLN B 9 -4.28 -1.93 -13.89
C GLN B 9 -4.11 -0.52 -14.45
N VAL B 10 -4.83 -0.23 -15.54
N VAL B 10 -4.81 -0.23 -15.54
CA VAL B 10 -4.81 1.09 -16.14
CA VAL B 10 -4.81 1.10 -16.12
C VAL B 10 -6.23 1.65 -16.16
C VAL B 10 -6.23 1.65 -16.18
N TYR B 11 -6.41 2.85 -15.65
CA TYR B 11 -7.75 3.39 -15.43
C TYR B 11 -7.70 4.89 -15.16
N SER B 12 -8.87 5.53 -15.17
CA SER B 12 -8.93 6.96 -14.89
C SER B 12 -9.41 7.27 -13.47
N ARG B 13 -8.96 8.39 -12.93
CA ARG B 13 -9.39 8.82 -11.59
C ARG B 13 -10.90 9.01 -11.50
N HIS B 14 -11.45 9.73 -12.46
CA HIS B 14 -12.88 9.97 -12.57
C HIS B 14 -13.45 9.24 -13.79
N PRO B 15 -14.77 9.00 -13.81
CA PRO B 15 -15.36 8.38 -15.00
C PRO B 15 -15.00 9.16 -16.26
N ALA B 16 -14.60 8.44 -17.30
CA ALA B 16 -14.09 9.08 -18.52
C ALA B 16 -15.16 9.87 -19.25
N GLU B 17 -14.84 11.12 -19.58
CA GLU B 17 -15.71 11.94 -20.43
C GLU B 17 -14.88 12.70 -21.45
N ASN B 18 -15.02 12.34 -22.73
CA ASN B 18 -14.28 13.01 -23.79
C ASN B 18 -14.34 14.54 -23.69
N GLY B 19 -13.18 15.17 -23.76
CA GLY B 19 -13.08 16.62 -23.69
C GLY B 19 -12.94 17.14 -22.27
N LYS B 20 -13.09 16.26 -21.29
CA LYS B 20 -13.02 16.66 -19.88
C LYS B 20 -11.70 16.21 -19.23
N SER B 21 -10.99 17.16 -18.63
CA SER B 21 -9.72 16.89 -17.96
C SER B 21 -9.89 15.85 -16.84
N ASN B 22 -8.96 14.91 -16.76
CA ASN B 22 -9.06 13.77 -15.84
C ASN B 22 -7.63 13.42 -15.42
N PHE B 23 -7.46 12.29 -14.74
CA PHE B 23 -6.12 11.75 -14.45
C PHE B 23 -6.07 10.31 -14.95
N LEU B 24 -4.98 9.97 -15.65
CA LEU B 24 -4.75 8.61 -16.13
C LEU B 24 -3.84 7.89 -15.14
N ASN B 25 -4.27 6.71 -14.66
CA ASN B 25 -3.53 5.96 -13.65
C ASN B 25 -3.02 4.63 -14.17
N CYS B 26 -1.82 4.25 -13.73
CA CYS B 26 -1.34 2.91 -13.91
C CYS B 26 -0.88 2.43 -12.54
N TYR B 27 -1.58 1.44 -12.01
CA TYR B 27 -1.30 0.92 -10.68
C TYR B 27 -0.58 -0.41 -10.88
N VAL B 28 0.64 -0.48 -10.37
CA VAL B 28 1.41 -1.72 -10.41
C VAL B 28 1.54 -2.22 -8.99
N SER B 29 1.28 -3.50 -8.79
CA SER B 29 1.26 -4.03 -7.44
C SER B 29 1.68 -5.49 -7.41
N GLY B 30 1.89 -6.01 -6.21
CA GLY B 30 2.17 -7.42 -6.07
C GLY B 30 3.56 -7.85 -6.48
N PHE B 31 4.48 -6.91 -6.68
CA PHE B 31 5.80 -7.28 -7.20
C PHE B 31 6.93 -7.28 -6.17
N HIS B 32 7.99 -8.01 -6.47
CA HIS B 32 9.16 -8.09 -5.61
C HIS B 32 10.27 -8.64 -6.51
N PRO B 33 11.44 -8.00 -6.50
CA PRO B 33 11.88 -6.85 -5.72
C PRO B 33 11.29 -5.55 -6.19
N SER B 34 11.69 -4.44 -5.57
CA SER B 34 11.00 -3.16 -5.78
C SER B 34 11.35 -2.41 -7.05
N ASP B 35 12.49 -2.70 -7.65
CA ASP B 35 12.85 -1.95 -8.85
C ASP B 35 11.88 -2.27 -9.97
N ILE B 36 11.40 -1.22 -10.63
CA ILE B 36 10.40 -1.40 -11.66
C ILE B 36 10.41 -0.18 -12.57
N GLU B 37 10.09 -0.39 -13.85
CA GLU B 37 10.03 0.71 -14.79
C GLU B 37 8.61 0.80 -15.33
N VAL B 38 8.02 1.98 -15.22
CA VAL B 38 6.64 2.14 -15.65
C VAL B 38 6.53 3.37 -16.54
N ASP B 39 5.91 3.18 -17.70
CA ASP B 39 5.64 4.28 -18.64
C ASP B 39 4.17 4.36 -18.97
N LEU B 40 3.66 5.59 -19.03
CA LEU B 40 2.34 5.84 -19.59
C LEU B 40 2.51 6.23 -21.06
N LEU B 41 1.72 5.65 -21.94
CA LEU B 41 1.83 5.90 -23.37
C LEU B 41 0.61 6.63 -23.92
N LYS B 42 0.82 7.42 -24.97
CA LYS B 42 -0.27 8.04 -25.70
C LYS B 42 -0.07 7.73 -27.18
N ASN B 43 -0.98 6.94 -27.75
CA ASN B 43 -0.84 6.49 -29.14
C ASN B 43 0.50 5.82 -29.40
N GLY B 44 1.12 5.30 -28.34
CA GLY B 44 2.35 4.55 -28.46
C GLY B 44 3.59 5.25 -27.95
N GLU B 45 3.46 6.51 -27.57
CA GLU B 45 4.63 7.33 -27.17
C GLU B 45 4.62 7.74 -25.70
N ARG B 46 5.82 7.87 -25.13
CA ARG B 46 6.01 8.14 -23.70
C ARG B 46 5.62 9.55 -23.26
N ILE B 47 4.78 9.63 -22.22
CA ILE B 47 4.38 10.89 -21.62
C ILE B 47 5.43 11.36 -20.62
N GLU B 48 5.80 12.63 -20.70
CA GLU B 48 6.84 13.19 -19.85
C GLU B 48 6.29 13.70 -18.52
N LYS B 49 7.15 13.70 -17.51
CA LYS B 49 6.82 14.25 -16.19
CA LYS B 49 6.81 14.26 -16.21
C LYS B 49 5.65 13.54 -15.51
N VAL B 50 5.55 12.23 -15.74
CA VAL B 50 4.56 11.41 -15.04
C VAL B 50 4.96 11.39 -13.56
N GLU B 51 3.97 11.47 -12.67
CA GLU B 51 4.23 11.45 -11.22
C GLU B 51 4.03 10.04 -10.67
N HIS B 52 4.59 9.77 -9.50
CA HIS B 52 4.33 8.50 -8.84
C HIS B 52 4.25 8.64 -7.33
N SER B 53 3.62 7.66 -6.70
CA SER B 53 3.47 7.61 -5.25
C SER B 53 4.76 7.15 -4.57
N ASP B 54 4.74 7.15 -3.25
N ASP B 54 4.78 7.19 -3.25
CA ASP B 54 5.91 6.80 -2.44
CA ASP B 54 5.95 6.79 -2.48
C ASP B 54 5.95 5.29 -2.18
C ASP B 54 5.94 5.29 -2.26
N LEU B 55 7.09 4.65 -2.50
CA LEU B 55 7.20 3.21 -2.37
C LEU B 55 6.63 2.71 -1.05
N SER B 56 5.62 1.85 -1.16
CA SER B 56 5.12 1.14 -0.01
C SER B 56 4.80 -0.26 -0.46
N PHE B 57 4.25 -1.01 0.46
CA PHE B 57 3.96 -2.39 0.21
C PHE B 57 2.79 -2.86 1.02
N SER B 58 2.26 -4.01 0.61
N SER B 58 2.21 -3.98 0.60
CA SER B 58 1.10 -4.61 1.24
CA SER B 58 1.06 -4.54 1.30
C SER B 58 1.52 -5.52 2.38
C SER B 58 1.52 -5.47 2.42
N LYS B 59 0.55 -6.05 3.13
CA LYS B 59 0.85 -6.92 4.27
C LYS B 59 1.60 -8.18 3.87
N ASP B 60 1.51 -8.57 2.60
CA ASP B 60 2.24 -9.75 2.11
C ASP B 60 3.65 -9.40 1.63
N TRP B 61 4.06 -8.16 1.89
CA TRP B 61 5.40 -7.63 1.58
C TRP B 61 5.58 -7.19 0.12
N SER B 62 4.61 -7.46 -0.74
CA SER B 62 4.77 -7.07 -2.14
C SER B 62 4.57 -5.56 -2.32
N PHE B 63 5.34 -5.01 -3.23
CA PHE B 63 5.36 -3.57 -3.45
C PHE B 63 4.23 -3.09 -4.33
N TYR B 64 3.88 -1.81 -4.16
CA TYR B 64 2.96 -1.19 -5.10
C TYR B 64 3.32 0.26 -5.35
N LEU B 65 3.00 0.74 -6.54
CA LEU B 65 3.17 2.13 -6.91
C LEU B 65 2.05 2.56 -7.83
N LEU B 66 1.65 3.82 -7.69
CA LEU B 66 0.71 4.46 -8.60
C LEU B 66 1.44 5.50 -9.45
N TYR B 67 1.36 5.34 -10.76
CA TYR B 67 1.89 6.34 -11.69
C TYR B 67 0.71 7.07 -12.31
N TYR B 68 0.82 8.38 -12.44
CA TYR B 68 -0.34 9.16 -12.87
C TYR B 68 0.02 10.42 -13.62
N THR B 69 -0.87 10.82 -14.51
CA THR B 69 -0.69 12.03 -15.29
C THR B 69 -2.04 12.65 -15.61
N GLU B 70 -2.10 13.98 -15.62
CA GLU B 70 -3.31 14.65 -16.01
C GLU B 70 -3.50 14.43 -17.50
N PHE B 71 -4.74 14.19 -17.93
CA PHE B 71 -5.03 14.03 -19.35
C PHE B 71 -6.47 14.36 -19.66
N THR B 72 -6.72 14.72 -20.91
CA THR B 72 -8.07 14.97 -21.39
C THR B 72 -8.38 13.96 -22.48
N PRO B 73 -9.14 12.91 -22.13
CA PRO B 73 -9.49 11.84 -23.05
C PRO B 73 -10.31 12.31 -24.24
N THR B 74 -10.05 11.72 -25.40
CA THR B 74 -10.81 12.01 -26.59
C THR B 74 -11.21 10.69 -27.23
N GLU B 75 -11.94 10.74 -28.33
CA GLU B 75 -12.40 9.52 -28.97
C GLU B 75 -11.25 8.78 -29.65
N LYS B 76 -10.29 9.54 -30.18
CA LYS B 76 -9.23 8.97 -31.01
C LYS B 76 -7.98 8.56 -30.23
N ASP B 77 -7.66 9.32 -29.18
CA ASP B 77 -6.44 9.08 -28.42
C ASP B 77 -6.47 7.74 -27.68
N GLU B 78 -5.44 6.94 -27.91
CA GLU B 78 -5.34 5.63 -27.30
CA GLU B 78 -5.35 5.63 -27.29
C GLU B 78 -4.26 5.64 -26.23
N TYR B 79 -4.59 5.14 -25.04
CA TYR B 79 -3.63 5.16 -23.94
C TYR B 79 -3.27 3.77 -23.44
N ALA B 80 -2.09 3.64 -22.86
CA ALA B 80 -1.64 2.38 -22.30
C ALA B 80 -0.56 2.58 -21.25
N CYS B 81 -0.21 1.49 -20.57
CA CYS B 81 0.85 1.49 -19.58
C CYS B 81 1.84 0.39 -19.93
N ARG B 82 3.12 0.74 -19.91
CA ARG B 82 4.16 -0.21 -20.25
C ARG B 82 5.07 -0.45 -19.06
N VAL B 83 5.21 -1.71 -18.67
CA VAL B 83 5.88 -2.05 -17.43
C VAL B 83 7.02 -3.01 -17.69
N ASN B 84 8.19 -2.72 -17.11
CA ASN B 84 9.26 -3.71 -17.09
C ASN B 84 9.69 -4.01 -15.66
N HIS B 85 10.13 -5.25 -15.43
CA HIS B 85 10.49 -5.75 -14.12
C HIS B 85 11.43 -6.92 -14.36
N VAL B 86 12.28 -7.21 -13.37
CA VAL B 86 13.24 -8.30 -13.51
C VAL B 86 12.54 -9.61 -13.90
N THR B 87 11.30 -9.79 -13.47
CA THR B 87 10.53 -11.00 -13.78
C THR B 87 10.02 -11.07 -15.22
N LEU B 88 10.15 -9.97 -15.95
CA LEU B 88 9.60 -9.90 -17.30
C LEU B 88 10.72 -9.90 -18.34
N SER B 89 10.66 -10.86 -19.26
CA SER B 89 11.65 -10.96 -20.31
C SER B 89 11.46 -9.85 -21.34
N GLN B 90 10.22 -9.38 -21.45
CA GLN B 90 9.86 -8.30 -22.35
CA GLN B 90 9.88 -8.28 -22.35
C GLN B 90 8.88 -7.36 -21.65
N PRO B 91 8.97 -6.05 -21.93
CA PRO B 91 8.02 -5.14 -21.28
C PRO B 91 6.58 -5.54 -21.56
N LYS B 92 5.73 -5.43 -20.54
CA LYS B 92 4.32 -5.78 -20.70
C LYS B 92 3.50 -4.52 -20.92
N ILE B 93 2.62 -4.57 -21.91
CA ILE B 93 1.77 -3.43 -22.22
C ILE B 93 0.32 -3.76 -21.93
N VAL B 94 -0.33 -2.88 -21.17
CA VAL B 94 -1.75 -3.00 -20.87
C VAL B 94 -2.46 -1.75 -21.38
N LYS B 95 -3.48 -1.95 -22.22
CA LYS B 95 -4.18 -0.82 -22.81
C LYS B 95 -5.25 -0.27 -21.88
N TRP B 96 -5.48 1.03 -21.95
CA TRP B 96 -6.58 1.63 -21.20
C TRP B 96 -7.92 1.27 -21.85
N ASP B 97 -8.77 0.60 -21.10
CA ASP B 97 -10.09 0.18 -21.57
C ASP B 97 -11.09 0.80 -20.62
N ARG B 98 -11.85 1.78 -21.09
CA ARG B 98 -12.73 2.56 -20.23
C ARG B 98 -13.71 1.69 -19.44
N ASP B 99 -13.94 0.46 -19.90
CA ASP B 99 -14.89 -0.42 -19.25
C ASP B 99 -14.25 -1.32 -18.20
N MET B 100 -13.00 -1.03 -17.84
CA MET B 100 -12.29 -1.87 -16.87
C MET B 100 -11.40 -1.11 -15.87
N GLU C 1 4.31 8.99 14.79
CA GLU C 1 5.59 9.13 15.49
C GLU C 1 6.44 7.88 15.25
N LEU C 2 7.67 8.08 14.78
N LEU C 2 7.67 8.07 14.77
CA LEU C 2 8.54 6.95 14.47
CA LEU C 2 8.55 6.95 14.45
C LEU C 2 8.94 6.17 15.72
C LEU C 2 8.98 6.18 15.70
N LYS C 3 9.19 4.88 15.53
CA LYS C 3 9.77 4.05 16.58
C LYS C 3 11.26 4.01 16.33
N ARG C 4 12.05 4.15 17.39
CA ARG C 4 13.50 4.04 17.28
C ARG C 4 13.91 2.58 17.07
N LYS C 5 14.76 2.37 16.08
CA LYS C 5 15.43 1.10 15.86
C LYS C 5 16.89 1.32 16.26
N MET C 6 17.31 0.69 17.35
CA MET C 6 18.64 0.97 17.92
CA MET C 6 18.62 0.96 17.96
C MET C 6 19.59 -0.22 17.86
N ILE C 7 19.05 -1.43 17.94
CA ILE C 7 19.89 -2.63 18.03
C ILE C 7 19.99 -3.36 16.69
N TYR C 8 21.20 -3.46 16.17
CA TYR C 8 21.39 -4.14 14.89
C TYR C 8 20.86 -5.58 14.95
N MET C 9 20.31 -6.03 13.83
CA MET C 9 19.84 -7.40 13.72
C MET C 9 21.00 -8.39 13.57
#